data_4XBK
#
_entry.id   4XBK
#
_cell.length_a   96.882
_cell.length_b   96.882
_cell.length_c   119.593
_cell.angle_alpha   90.000
_cell.angle_beta   90.000
_cell.angle_gamma   90.000
#
_symmetry.space_group_name_H-M   'P 41 21 2'
#
loop_
_entity.id
_entity.type
_entity.pdbx_description
1 polymer 'Deoxyribose-phosphate aldolase'
2 non-polymer 'ACETIC ACID'
3 water water
#
_entity_poly.entity_id   1
_entity_poly.type   'polypeptide(L)'
_entity_poly.pdbx_seq_one_letter_code
;MGSSHHHHHHSSGLVPRGSHMASMTGGQQMGRGSEFMTLTTEQLAKYIDHTNLKADATEADIKQTCDEAKKFNTASVCVN
SYWIPFVTEQLKGTDVNPIAVVGFPLGAMATESEIFEATTAIDQGAEEIDMVLNVGELKGGNDEKVLADIQGLADAVHAK
GKILKVILENALLTKDEIVRACQLSEKAGADFVKTSTGFSTSGAKVEDVKLMRETVGDRLGVKASGGIHSREEALAMIDA
GASRMGVSATVAILTGDDSHAKAGY
;
_entity_poly.pdbx_strand_id   A,B
#
loop_
_chem_comp.id
_chem_comp.type
_chem_comp.name
_chem_comp.formula
ACY non-polymer 'ACETIC ACID' 'C2 H4 O2'
#
# COMPACT_ATOMS: atom_id res chain seq x y z
N LEU A 39 -18.56 -29.61 -7.84
CA LEU A 39 -17.95 -28.97 -6.67
C LEU A 39 -19.01 -28.29 -5.80
N THR A 40 -19.20 -28.76 -4.57
CA THR A 40 -20.18 -28.17 -3.66
C THR A 40 -19.75 -26.78 -3.20
N THR A 41 -20.72 -26.01 -2.70
CA THR A 41 -20.42 -24.69 -2.13
C THR A 41 -19.43 -24.81 -0.96
N GLU A 42 -19.55 -25.88 -0.17
CA GLU A 42 -18.64 -26.11 0.96
C GLU A 42 -17.19 -26.29 0.52
N GLN A 43 -16.98 -27.11 -0.52
CA GLN A 43 -15.61 -27.35 -0.98
C GLN A 43 -15.09 -26.21 -1.85
N LEU A 44 -15.97 -25.48 -2.53
CA LEU A 44 -15.55 -24.25 -3.20
C LEU A 44 -15.08 -23.24 -2.15
N ALA A 45 -15.80 -23.16 -1.03
CA ALA A 45 -15.44 -22.25 0.06
C ALA A 45 -14.02 -22.50 0.57
N LYS A 46 -13.61 -23.76 0.58
CA LYS A 46 -12.28 -24.14 1.05
C LYS A 46 -11.14 -23.60 0.18
N TYR A 47 -11.46 -23.19 -1.04
CA TYR A 47 -10.45 -22.59 -1.92
C TYR A 47 -10.27 -21.11 -1.61
N ILE A 48 -11.17 -20.54 -0.81
CA ILE A 48 -11.31 -19.08 -0.80
C ILE A 48 -10.67 -18.42 0.41
N ASP A 49 -9.79 -17.46 0.13
CA ASP A 49 -9.35 -16.48 1.12
C ASP A 49 -10.35 -15.32 0.97
N HIS A 50 -11.27 -15.21 1.91
CA HIS A 50 -12.33 -14.19 1.85
C HIS A 50 -11.70 -12.86 2.23
N THR A 51 -11.79 -11.88 1.33
CA THR A 51 -10.88 -10.74 1.36
C THR A 51 -11.58 -9.39 1.50
N ASN A 52 -11.06 -8.54 2.36
CA ASN A 52 -11.57 -7.18 2.47
C ASN A 52 -10.38 -6.25 2.75
N LEU A 53 -9.96 -5.51 1.73
CA LEU A 53 -8.72 -4.74 1.81
C LEU A 53 -8.92 -3.26 1.52
N LYS A 54 -10.18 -2.84 1.34
CA LYS A 54 -10.46 -1.45 1.01
C LYS A 54 -9.97 -0.53 2.13
N ALA A 55 -9.38 0.60 1.72
CA ALA A 55 -8.81 1.58 2.66
C ALA A 55 -9.85 2.14 3.64
N ASP A 56 -11.13 2.11 3.24
CA ASP A 56 -12.15 2.69 4.13
C ASP A 56 -13.00 1.64 4.88
N ALA A 57 -12.53 0.39 4.91
CA ALA A 57 -13.24 -0.66 5.64
C ALA A 57 -13.25 -0.36 7.14
N THR A 58 -14.43 -0.36 7.75
CA THR A 58 -14.55 -0.05 9.17
C THR A 58 -14.48 -1.34 9.97
N GLU A 59 -14.41 -1.21 11.29
CA GLU A 59 -14.44 -2.38 12.15
C GLU A 59 -15.70 -3.21 11.87
N ALA A 60 -16.84 -2.54 11.70
CA ALA A 60 -18.07 -3.23 11.34
C ALA A 60 -17.96 -3.95 9.99
N ASP A 61 -17.31 -3.32 9.02
CA ASP A 61 -17.10 -3.96 7.71
C ASP A 61 -16.24 -5.22 7.86
N ILE A 62 -15.19 -5.11 8.67
CA ILE A 62 -14.28 -6.22 8.85
C ILE A 62 -14.97 -7.34 9.63
N LYS A 63 -15.77 -6.99 10.63
CA LYS A 63 -16.50 -8.03 11.37
C LYS A 63 -17.45 -8.80 10.46
N GLN A 64 -18.13 -8.09 9.55
CA GLN A 64 -19.03 -8.73 8.60
C GLN A 64 -18.28 -9.73 7.70
N THR A 65 -17.11 -9.34 7.22
CA THR A 65 -16.29 -10.26 6.45
C THR A 65 -15.99 -11.50 7.27
N CYS A 66 -15.63 -11.32 8.53
CA CYS A 66 -15.41 -12.46 9.43
C CYS A 66 -16.67 -13.32 9.60
N ASP A 67 -17.82 -12.66 9.78
CA ASP A 67 -19.09 -13.38 9.94
C ASP A 67 -19.36 -14.24 8.71
N GLU A 68 -19.13 -13.66 7.53
CA GLU A 68 -19.36 -14.36 6.28
C GLU A 68 -18.43 -15.55 6.13
N ALA A 69 -17.16 -15.39 6.51
CA ALA A 69 -16.19 -16.46 6.34
C ALA A 69 -16.49 -17.63 7.26
N LYS A 70 -16.94 -17.32 8.47
CA LYS A 70 -17.32 -18.35 9.44
C LYS A 70 -18.58 -19.09 8.97
N LYS A 71 -19.52 -18.35 8.39
CA LYS A 71 -20.75 -18.94 7.90
C LYS A 71 -20.51 -19.93 6.77
N PHE A 72 -19.64 -19.57 5.82
CA PHE A 72 -19.37 -20.43 4.68
C PHE A 72 -18.15 -21.33 4.87
N ASN A 73 -17.47 -21.18 6.00
CA ASN A 73 -16.24 -21.90 6.32
C ASN A 73 -15.20 -21.80 5.20
N THR A 74 -14.81 -20.57 4.88
CA THR A 74 -13.77 -20.35 3.87
C THR A 74 -12.39 -20.73 4.44
N ALA A 75 -11.38 -20.81 3.58
CA ALA A 75 -10.03 -21.09 4.05
C ALA A 75 -9.53 -20.01 5.02
N SER A 76 -9.74 -18.75 4.65
N SER A 76 -9.77 -18.75 4.67
CA SER A 76 -9.13 -17.63 5.36
CA SER A 76 -9.23 -17.67 5.47
C SER A 76 -10.00 -16.38 5.32
C SER A 76 -9.99 -16.36 5.31
N VAL A 77 -9.63 -15.40 6.16
CA VAL A 77 -10.06 -14.02 5.99
C VAL A 77 -8.77 -13.25 5.75
N CYS A 78 -8.71 -12.50 4.65
CA CYS A 78 -7.49 -11.78 4.28
C CYS A 78 -7.68 -10.28 4.48
N VAL A 79 -6.85 -9.68 5.34
CA VAL A 79 -7.00 -8.26 5.63
C VAL A 79 -5.64 -7.56 5.66
N ASN A 80 -5.67 -6.23 5.67
CA ASN A 80 -4.49 -5.43 5.93
C ASN A 80 -4.03 -5.63 7.38
N SER A 81 -2.74 -5.42 7.66
CA SER A 81 -2.17 -5.82 8.95
C SER A 81 -2.80 -5.15 10.18
N TYR A 82 -3.37 -3.96 10.01
CA TYR A 82 -4.00 -3.29 11.15
C TYR A 82 -5.12 -4.14 11.75
N TRP A 83 -5.81 -4.90 10.92
CA TRP A 83 -6.98 -5.64 11.39
C TRP A 83 -6.70 -7.06 11.89
N ILE A 84 -5.44 -7.46 11.90
CA ILE A 84 -5.11 -8.84 12.31
C ILE A 84 -5.52 -9.21 13.76
N PRO A 85 -5.22 -8.35 14.76
CA PRO A 85 -5.67 -8.71 16.12
C PRO A 85 -7.19 -8.92 16.20
N PHE A 86 -7.94 -8.03 15.57
CA PHE A 86 -9.41 -8.10 15.59
C PHE A 86 -9.91 -9.34 14.87
N VAL A 87 -9.39 -9.59 13.66
CA VAL A 87 -9.80 -10.75 12.89
C VAL A 87 -9.48 -12.04 13.64
N THR A 88 -8.32 -12.07 14.27
CA THR A 88 -7.88 -13.25 15.01
C THR A 88 -8.86 -13.56 16.13
N GLU A 89 -9.28 -12.51 16.82
CA GLU A 89 -10.29 -12.61 17.88
C GLU A 89 -11.60 -13.14 17.33
N GLN A 90 -12.06 -12.56 16.23
CA GLN A 90 -13.33 -12.96 15.62
C GLN A 90 -13.33 -14.40 15.15
N LEU A 91 -12.18 -14.89 14.71
CA LEU A 91 -12.09 -16.23 14.12
C LEU A 91 -11.65 -17.29 15.13
N LYS A 92 -11.34 -16.85 16.35
CA LYS A 92 -10.84 -17.73 17.40
C LYS A 92 -11.84 -18.86 17.63
N GLY A 93 -11.34 -20.10 17.69
CA GLY A 93 -12.22 -21.24 17.88
C GLY A 93 -12.84 -21.78 16.61
N THR A 94 -12.46 -21.20 15.45
CA THR A 94 -12.94 -21.69 14.17
C THR A 94 -11.78 -22.19 13.30
N ASP A 95 -12.13 -22.82 12.19
CA ASP A 95 -11.17 -23.36 11.23
C ASP A 95 -10.68 -22.30 10.23
N VAL A 96 -11.28 -21.11 10.25
CA VAL A 96 -10.92 -20.05 9.32
C VAL A 96 -9.64 -19.35 9.82
N ASN A 97 -8.65 -19.22 8.95
CA ASN A 97 -7.36 -18.63 9.32
C ASN A 97 -7.33 -17.12 9.06
N PRO A 98 -6.83 -16.33 10.01
CA PRO A 98 -6.54 -14.94 9.64
C PRO A 98 -5.30 -14.94 8.76
N ILE A 99 -5.28 -14.17 7.69
CA ILE A 99 -4.05 -13.99 6.91
C ILE A 99 -3.90 -12.51 6.57
N ALA A 100 -2.66 -12.07 6.34
CA ALA A 100 -2.38 -10.66 6.11
C ALA A 100 -1.64 -10.41 4.80
N VAL A 101 -1.99 -9.31 4.13
CA VAL A 101 -1.13 -8.76 3.08
C VAL A 101 -0.05 -7.92 3.78
N VAL A 102 1.11 -7.76 3.14
CA VAL A 102 2.17 -6.87 3.64
C VAL A 102 2.81 -6.15 2.45
N GLY A 103 3.33 -4.94 2.70
CA GLY A 103 3.89 -4.09 1.65
C GLY A 103 2.93 -3.97 0.48
N PHE A 104 1.67 -3.68 0.80
CA PHE A 104 0.55 -3.91 -0.10
C PHE A 104 -0.29 -2.66 -0.25
N PRO A 105 -0.74 -2.37 -1.48
CA PRO A 105 -0.61 -3.17 -2.72
C PRO A 105 0.55 -2.78 -3.64
N LEU A 106 1.43 -1.88 -3.24
CA LEU A 106 2.45 -1.38 -4.18
C LEU A 106 3.75 -2.20 -4.28
N GLY A 107 4.06 -2.99 -3.25
CA GLY A 107 5.23 -3.87 -3.31
C GLY A 107 6.55 -3.13 -3.33
N ALA A 108 6.51 -1.88 -2.88
CA ALA A 108 7.70 -1.03 -2.92
C ALA A 108 8.09 -0.58 -1.51
N MET A 109 7.79 -1.41 -0.53
CA MET A 109 8.17 -1.14 0.85
C MET A 109 9.54 -1.77 1.09
N ALA A 110 10.39 -1.11 1.87
CA ALA A 110 11.72 -1.64 2.18
C ALA A 110 11.58 -3.06 2.74
N THR A 111 12.47 -3.96 2.33
CA THR A 111 12.36 -5.35 2.74
C THR A 111 12.36 -5.55 4.26
N GLU A 112 13.22 -4.82 4.97
CA GLU A 112 13.28 -4.98 6.42
C GLU A 112 11.97 -4.54 7.07
N SER A 113 11.32 -3.54 6.48
CA SER A 113 10.05 -3.05 6.99
C SER A 113 8.93 -4.01 6.64
N GLU A 114 9.02 -4.64 5.47
CA GLU A 114 8.05 -5.69 5.12
C GLU A 114 8.17 -6.85 6.08
N ILE A 115 9.39 -7.23 6.42
CA ILE A 115 9.62 -8.31 7.38
C ILE A 115 9.02 -7.98 8.75
N PHE A 116 9.27 -6.77 9.23
CA PHE A 116 8.68 -6.32 10.50
C PHE A 116 7.15 -6.43 10.43
N GLU A 117 6.54 -5.98 9.33
CA GLU A 117 5.09 -6.00 9.22
C GLU A 117 4.59 -7.44 9.23
N ALA A 118 5.32 -8.32 8.54
CA ALA A 118 4.95 -9.73 8.43
C ALA A 118 5.10 -10.49 9.75
N THR A 119 6.22 -10.30 10.44
CA THR A 119 6.45 -11.03 11.68
C THR A 119 5.49 -10.55 12.76
N THR A 120 5.21 -9.25 12.76
CA THR A 120 4.22 -8.70 13.69
C THR A 120 2.84 -9.30 13.38
N ALA A 121 2.47 -9.34 12.10
CA ALA A 121 1.18 -9.88 11.70
C ALA A 121 1.03 -11.35 12.11
N ILE A 122 2.06 -12.16 11.85
CA ILE A 122 2.01 -13.57 12.27
C ILE A 122 1.89 -13.70 13.79
N ASP A 123 2.71 -12.95 14.51
CA ASP A 123 2.69 -12.99 15.98
C ASP A 123 1.31 -12.58 16.52
N GLN A 124 0.60 -11.73 15.79
CA GLN A 124 -0.73 -11.27 16.23
C GLN A 124 -1.86 -12.14 15.69
N GLY A 125 -1.52 -13.22 14.99
CA GLY A 125 -2.51 -14.20 14.60
C GLY A 125 -2.58 -14.60 13.13
N ALA A 126 -1.80 -13.96 12.27
CA ALA A 126 -1.84 -14.32 10.86
C ALA A 126 -1.21 -15.69 10.65
N GLU A 127 -1.81 -16.50 9.77
CA GLU A 127 -1.27 -17.85 9.50
C GLU A 127 -0.60 -17.94 8.14
N GLU A 128 -0.87 -16.95 7.30
CA GLU A 128 -0.23 -16.84 5.98
C GLU A 128 0.01 -15.36 5.71
N ILE A 129 0.98 -15.08 4.85
CA ILE A 129 1.30 -13.71 4.48
C ILE A 129 1.28 -13.66 2.96
N ASP A 130 0.53 -12.72 2.39
CA ASP A 130 0.56 -12.47 0.95
C ASP A 130 1.38 -11.19 0.72
N MET A 131 2.62 -11.30 0.25
CA MET A 131 3.41 -10.11 -0.04
C MET A 131 3.19 -9.69 -1.48
N VAL A 132 3.72 -8.54 -1.87
CA VAL A 132 3.64 -8.10 -3.25
C VAL A 132 5.05 -8.11 -3.84
N LEU A 133 5.17 -8.65 -5.06
CA LEU A 133 6.42 -8.61 -5.82
C LEU A 133 6.97 -7.19 -5.90
N ASN A 134 8.30 -7.03 -5.85
CA ASN A 134 8.90 -5.74 -6.17
C ASN A 134 8.92 -5.62 -7.70
N VAL A 135 7.79 -5.16 -8.24
CA VAL A 135 7.57 -5.11 -9.69
C VAL A 135 8.59 -4.23 -10.40
N GLY A 136 8.89 -3.08 -9.82
CA GLY A 136 9.84 -2.15 -10.41
C GLY A 136 11.22 -2.76 -10.60
N GLU A 137 11.67 -3.56 -9.64
CA GLU A 137 12.97 -4.22 -9.79
C GLU A 137 12.93 -5.34 -10.83
N LEU A 138 11.80 -6.04 -10.92
CA LEU A 138 11.66 -7.09 -11.94
C LEU A 138 11.69 -6.44 -13.32
N LYS A 139 10.87 -5.41 -13.51
CA LYS A 139 10.80 -4.75 -14.82
C LYS A 139 12.14 -4.11 -15.19
N GLY A 140 12.93 -3.74 -14.18
CA GLY A 140 14.22 -3.13 -14.42
C GLY A 140 15.33 -4.17 -14.56
N GLY A 141 14.94 -5.44 -14.48
CA GLY A 141 15.88 -6.54 -14.69
C GLY A 141 16.85 -6.79 -13.54
N ASN A 142 16.52 -6.26 -12.35
CA ASN A 142 17.35 -6.53 -11.17
C ASN A 142 16.88 -7.77 -10.44
N ASP A 143 17.08 -8.93 -11.08
CA ASP A 143 16.58 -10.20 -10.57
C ASP A 143 17.11 -10.50 -9.17
N GLU A 144 18.33 -10.08 -8.89
CA GLU A 144 18.98 -10.34 -7.60
C GLU A 144 18.27 -9.59 -6.47
N LYS A 145 17.85 -8.36 -6.74
CA LYS A 145 17.11 -7.58 -5.77
C LYS A 145 15.68 -8.10 -5.58
N VAL A 146 15.03 -8.50 -6.66
CA VAL A 146 13.72 -9.14 -6.58
C VAL A 146 13.83 -10.37 -5.68
N LEU A 147 14.90 -11.14 -5.89
CA LEU A 147 15.14 -12.35 -5.13
C LEU A 147 15.37 -12.05 -3.66
N ALA A 148 16.25 -11.10 -3.38
CA ALA A 148 16.60 -10.76 -1.99
C ALA A 148 15.36 -10.31 -1.24
N ASP A 149 14.50 -9.57 -1.93
CA ASP A 149 13.26 -9.07 -1.33
C ASP A 149 12.35 -10.25 -0.90
N ILE A 150 12.04 -11.15 -1.84
CA ILE A 150 11.18 -12.29 -1.49
C ILE A 150 11.82 -13.22 -0.46
N GLN A 151 13.12 -13.48 -0.61
N GLN A 151 13.12 -13.47 -0.62
CA GLN A 151 13.84 -14.40 0.28
CA GLN A 151 13.87 -14.36 0.25
C GLN A 151 13.82 -13.96 1.73
C GLN A 151 13.79 -13.94 1.72
N GLY A 152 13.93 -12.65 1.95
CA GLY A 152 13.89 -12.11 3.30
C GLY A 152 12.53 -12.38 3.93
N LEU A 153 11.46 -12.20 3.15
CA LEU A 153 10.12 -12.49 3.65
C LEU A 153 9.93 -13.98 3.86
N ALA A 154 10.42 -14.78 2.92
CA ALA A 154 10.28 -16.23 3.03
C ALA A 154 10.99 -16.74 4.29
N ASP A 155 12.19 -16.23 4.53
CA ASP A 155 12.94 -16.66 5.72
C ASP A 155 12.17 -16.32 6.99
N ALA A 156 11.65 -15.09 7.06
CA ALA A 156 10.93 -14.63 8.25
C ALA A 156 9.63 -15.42 8.44
N VAL A 157 8.88 -15.60 7.36
CA VAL A 157 7.60 -16.29 7.44
C VAL A 157 7.79 -17.78 7.78
N HIS A 158 8.74 -18.42 7.13
CA HIS A 158 8.98 -19.85 7.38
C HIS A 158 9.57 -20.11 8.76
N ALA A 159 10.34 -19.16 9.29
CA ALA A 159 10.93 -19.31 10.62
C ALA A 159 9.81 -19.45 11.64
N LYS A 160 8.66 -18.84 11.34
CA LYS A 160 7.51 -18.93 12.24
C LYS A 160 6.55 -20.06 11.83
N GLY A 161 6.95 -20.85 10.84
CA GLY A 161 6.17 -22.03 10.45
C GLY A 161 4.95 -21.73 9.60
N LYS A 162 4.94 -20.55 8.97
CA LYS A 162 3.79 -20.13 8.17
C LYS A 162 4.12 -20.20 6.68
N ILE A 163 3.20 -19.79 5.83
CA ILE A 163 3.48 -19.84 4.40
C ILE A 163 3.35 -18.47 3.76
N LEU A 164 4.05 -18.29 2.63
CA LEU A 164 4.17 -16.99 1.97
C LEU A 164 3.65 -17.08 0.55
N LYS A 165 2.80 -16.13 0.17
CA LYS A 165 2.34 -16.02 -1.22
C LYS A 165 2.96 -14.76 -1.80
N VAL A 166 3.33 -14.79 -3.07
CA VAL A 166 3.84 -13.59 -3.72
C VAL A 166 2.87 -13.14 -4.80
N ILE A 167 2.34 -11.92 -4.62
CA ILE A 167 1.45 -11.32 -5.61
C ILE A 167 2.28 -10.72 -6.72
N LEU A 168 2.13 -11.25 -7.93
CA LEU A 168 2.91 -10.83 -9.09
C LEU A 168 2.44 -9.50 -9.66
N GLU A 169 1.16 -9.19 -9.43
CA GLU A 169 0.46 -8.11 -10.12
C GLU A 169 0.60 -8.28 -11.64
N ASN A 170 -0.02 -9.33 -12.17
CA ASN A 170 0.08 -9.64 -13.60
C ASN A 170 -0.28 -8.48 -14.52
N ALA A 171 -1.20 -7.63 -14.08
CA ALA A 171 -1.62 -6.48 -14.88
C ALA A 171 -0.44 -5.63 -15.35
N LEU A 172 0.61 -5.58 -14.54
CA LEU A 172 1.74 -4.68 -14.81
C LEU A 172 2.90 -5.38 -15.52
N LEU A 173 2.73 -6.68 -15.80
CA LEU A 173 3.83 -7.50 -16.32
C LEU A 173 3.59 -8.00 -17.75
N THR A 174 4.68 -8.18 -18.52
CA THR A 174 4.59 -8.91 -19.78
C THR A 174 4.47 -10.40 -19.46
N LYS A 175 4.08 -11.22 -20.43
CA LYS A 175 3.93 -12.65 -20.14
C LYS A 175 5.28 -13.27 -19.75
N ASP A 176 6.35 -12.83 -20.40
CA ASP A 176 7.68 -13.30 -20.04
C ASP A 176 8.02 -12.92 -18.59
N GLU A 177 7.63 -11.72 -18.19
CA GLU A 177 7.87 -11.28 -16.81
C GLU A 177 7.05 -12.09 -15.80
N ILE A 178 5.83 -12.44 -16.16
CA ILE A 178 5.03 -13.34 -15.31
C ILE A 178 5.79 -14.65 -15.08
N VAL A 179 6.32 -15.23 -16.15
CA VAL A 179 7.13 -16.44 -16.03
C VAL A 179 8.36 -16.19 -15.17
N ARG A 180 9.10 -15.13 -15.45
CA ARG A 180 10.31 -14.85 -14.67
C ARG A 180 9.98 -14.62 -13.18
N ALA A 181 8.88 -13.92 -12.92
CA ALA A 181 8.47 -13.65 -11.54
C ALA A 181 8.14 -14.94 -10.78
N CYS A 182 7.51 -15.89 -11.47
CA CYS A 182 7.26 -17.18 -10.87
C CYS A 182 8.56 -17.92 -10.56
N GLN A 183 9.52 -17.85 -11.48
CA GLN A 183 10.80 -18.54 -11.28
C GLN A 183 11.54 -17.95 -10.09
N LEU A 184 11.56 -16.64 -9.98
CA LEU A 184 12.25 -15.98 -8.87
C LEU A 184 11.52 -16.23 -7.54
N SER A 185 10.19 -16.19 -7.58
CA SER A 185 9.39 -16.53 -6.39
C SER A 185 9.71 -17.93 -5.89
N GLU A 186 9.80 -18.89 -6.82
CA GLU A 186 10.12 -20.25 -6.44
C GLU A 186 11.55 -20.34 -5.87
N LYS A 187 12.49 -19.69 -6.55
CA LYS A 187 13.89 -19.70 -6.10
C LYS A 187 14.03 -19.07 -4.72
N ALA A 188 13.24 -18.03 -4.44
CA ALA A 188 13.31 -17.36 -3.15
C ALA A 188 12.58 -18.12 -2.05
N GLY A 189 11.85 -19.17 -2.43
CA GLY A 189 11.21 -20.03 -1.44
C GLY A 189 9.74 -19.80 -1.17
N ALA A 190 9.11 -18.95 -1.97
CA ALA A 190 7.66 -18.70 -1.81
C ALA A 190 6.86 -19.99 -1.93
N ASP A 191 5.73 -20.05 -1.22
CA ASP A 191 4.86 -21.21 -1.25
C ASP A 191 3.76 -21.10 -2.33
N PHE A 192 3.39 -19.86 -2.65
CA PHE A 192 2.34 -19.60 -3.63
C PHE A 192 2.77 -18.42 -4.48
N VAL A 193 2.34 -18.41 -5.75
CA VAL A 193 2.30 -17.19 -6.52
C VAL A 193 0.82 -16.80 -6.65
N LYS A 194 0.55 -15.50 -6.60
CA LYS A 194 -0.82 -14.98 -6.58
C LYS A 194 -0.91 -13.94 -7.70
N THR A 195 -2.05 -13.92 -8.41
CA THR A 195 -2.12 -13.09 -9.60
C THR A 195 -2.08 -11.58 -9.35
N SER A 196 -2.89 -11.08 -8.42
CA SER A 196 -3.22 -9.66 -8.42
C SER A 196 -3.52 -9.10 -7.03
N THR A 197 -3.35 -7.79 -6.88
CA THR A 197 -3.65 -7.14 -5.58
C THR A 197 -5.12 -6.79 -5.50
N GLY A 198 -5.74 -6.57 -6.66
CA GLY A 198 -7.09 -6.07 -6.71
C GLY A 198 -7.13 -4.56 -6.84
N PHE A 199 -5.95 -3.93 -6.90
CA PHE A 199 -5.84 -2.47 -6.94
C PHE A 199 -5.19 -1.94 -8.22
N SER A 200 -4.87 -2.84 -9.15
CA SER A 200 -4.32 -2.43 -10.44
C SER A 200 -5.43 -2.39 -11.49
N THR A 201 -5.05 -2.42 -12.77
CA THR A 201 -6.01 -2.22 -13.86
C THR A 201 -6.81 -3.48 -14.20
N SER A 202 -6.30 -4.64 -13.80
CA SER A 202 -7.05 -5.88 -13.98
C SER A 202 -6.56 -6.90 -12.98
N GLY A 203 -7.29 -8.01 -12.85
CA GLY A 203 -6.98 -9.02 -11.85
C GLY A 203 -6.71 -10.37 -12.48
N ALA A 204 -7.36 -11.41 -11.95
CA ALA A 204 -7.08 -12.77 -12.39
C ALA A 204 -7.56 -13.02 -13.81
N LYS A 205 -6.69 -13.62 -14.61
CA LYS A 205 -7.05 -14.07 -15.96
C LYS A 205 -6.71 -15.54 -16.12
N VAL A 206 -7.67 -16.27 -16.71
CA VAL A 206 -7.53 -17.70 -16.96
C VAL A 206 -6.19 -18.06 -17.61
N GLU A 207 -5.80 -17.30 -18.64
CA GLU A 207 -4.54 -17.60 -19.32
C GLU A 207 -3.30 -17.31 -18.48
N ASP A 208 -3.38 -16.32 -17.60
CA ASP A 208 -2.28 -16.02 -16.69
C ASP A 208 -2.14 -17.10 -15.64
N VAL A 209 -3.28 -17.54 -15.10
CA VAL A 209 -3.31 -18.59 -14.10
C VAL A 209 -2.69 -19.86 -14.69
N LYS A 210 -3.04 -20.15 -15.93
CA LYS A 210 -2.50 -21.33 -16.61
C LYS A 210 -0.99 -21.22 -16.81
N LEU A 211 -0.54 -20.03 -17.23
CA LEU A 211 0.89 -19.77 -17.41
C LEU A 211 1.65 -19.94 -16.10
N MET A 212 1.07 -19.44 -15.01
CA MET A 212 1.68 -19.56 -13.69
C MET A 212 1.76 -21.00 -13.25
N ARG A 213 0.67 -21.75 -13.40
CA ARG A 213 0.64 -23.16 -13.03
C ARG A 213 1.63 -23.97 -13.87
N GLU A 214 1.77 -23.63 -15.15
CA GLU A 214 2.76 -24.32 -15.99
C GLU A 214 4.18 -24.05 -15.51
N THR A 215 4.42 -22.83 -15.05
CA THR A 215 5.76 -22.43 -14.63
C THR A 215 6.16 -23.07 -13.30
N VAL A 216 5.27 -23.04 -12.31
CA VAL A 216 5.62 -23.60 -10.99
C VAL A 216 5.27 -25.07 -10.87
N GLY A 217 4.57 -25.62 -11.86
CA GLY A 217 4.12 -27.01 -11.79
C GLY A 217 3.34 -27.28 -10.51
N ASP A 218 3.49 -28.46 -9.91
CA ASP A 218 2.86 -28.70 -8.62
C ASP A 218 3.74 -28.32 -7.43
N ARG A 219 4.77 -27.50 -7.66
CA ARG A 219 5.74 -27.23 -6.61
C ARG A 219 5.37 -26.03 -5.73
N LEU A 220 4.53 -25.14 -6.26
CA LEU A 220 3.99 -24.01 -5.49
C LEU A 220 2.49 -23.99 -5.72
N GLY A 221 1.75 -23.34 -4.82
CA GLY A 221 0.34 -23.12 -5.07
C GLY A 221 0.18 -21.95 -6.03
N VAL A 222 -0.98 -21.87 -6.69
CA VAL A 222 -1.28 -20.74 -7.55
C VAL A 222 -2.60 -20.16 -7.08
N LYS A 223 -2.59 -18.89 -6.70
CA LYS A 223 -3.80 -18.25 -6.18
C LYS A 223 -4.31 -17.20 -7.16
N ALA A 224 -5.52 -17.42 -7.66
CA ALA A 224 -6.17 -16.50 -8.57
C ALA A 224 -6.92 -15.47 -7.73
N SER A 225 -6.65 -14.19 -7.96
CA SER A 225 -7.26 -13.14 -7.14
C SER A 225 -7.53 -11.89 -7.96
N GLY A 226 -8.56 -11.16 -7.57
CA GLY A 226 -8.90 -9.90 -8.22
C GLY A 226 -9.93 -10.08 -9.30
N GLY A 227 -11.09 -9.43 -9.12
CA GLY A 227 -12.12 -9.41 -10.14
C GLY A 227 -12.89 -10.72 -10.30
N ILE A 228 -12.76 -11.61 -9.33
CA ILE A 228 -13.50 -12.87 -9.40
C ILE A 228 -14.91 -12.65 -8.81
N HIS A 229 -15.91 -12.61 -9.69
CA HIS A 229 -17.22 -12.08 -9.33
C HIS A 229 -18.35 -13.10 -9.36
N SER A 230 -18.13 -14.23 -10.02
CA SER A 230 -19.18 -15.23 -10.14
C SER A 230 -18.65 -16.63 -9.88
N ARG A 231 -19.58 -17.53 -9.59
CA ARG A 231 -19.28 -18.94 -9.41
C ARG A 231 -18.64 -19.52 -10.67
N GLU A 232 -19.15 -19.11 -11.83
CA GLU A 232 -18.58 -19.57 -13.10
C GLU A 232 -17.12 -19.12 -13.24
N GLU A 233 -16.84 -17.88 -12.85
CA GLU A 233 -15.48 -17.37 -12.93
C GLU A 233 -14.57 -18.12 -11.95
N ALA A 234 -15.08 -18.39 -10.75
CA ALA A 234 -14.31 -19.10 -9.74
C ALA A 234 -13.93 -20.49 -10.23
N LEU A 235 -14.89 -21.20 -10.81
CA LEU A 235 -14.65 -22.56 -11.30
C LEU A 235 -13.65 -22.56 -12.45
N ALA A 236 -13.73 -21.54 -13.31
CA ALA A 236 -12.81 -21.42 -14.44
C ALA A 236 -11.37 -21.20 -13.98
N MET A 237 -11.19 -20.47 -12.88
CA MET A 237 -9.86 -20.25 -12.31
C MET A 237 -9.29 -21.56 -11.75
N ILE A 238 -10.12 -22.30 -11.02
CA ILE A 238 -9.71 -23.61 -10.53
C ILE A 238 -9.31 -24.50 -11.72
N ASP A 239 -10.14 -24.52 -12.76
N ASP A 239 -10.14 -24.50 -12.76
CA ASP A 239 -9.85 -25.32 -13.95
CA ASP A 239 -9.88 -25.29 -13.96
C ASP A 239 -8.56 -24.87 -14.63
C ASP A 239 -8.59 -24.86 -14.65
N ALA A 240 -8.31 -23.56 -14.61
CA ALA A 240 -7.08 -23.03 -15.22
C ALA A 240 -5.85 -23.38 -14.38
N GLY A 241 -6.05 -23.87 -13.16
CA GLY A 241 -4.93 -24.33 -12.33
C GLY A 241 -4.80 -23.71 -10.94
N ALA A 242 -5.70 -22.81 -10.56
CA ALA A 242 -5.63 -22.20 -9.24
C ALA A 242 -5.93 -23.21 -8.14
N SER A 243 -5.14 -23.19 -7.07
CA SER A 243 -5.38 -24.06 -5.94
C SER A 243 -5.93 -23.26 -4.77
N ARG A 244 -6.04 -21.95 -4.95
CA ARG A 244 -6.60 -21.05 -3.94
C ARG A 244 -7.09 -19.81 -4.67
N MET A 245 -8.03 -19.09 -4.07
CA MET A 245 -8.53 -17.87 -4.69
C MET A 245 -8.70 -16.76 -3.68
N GLY A 246 -8.43 -15.53 -4.11
CA GLY A 246 -8.77 -14.35 -3.34
C GLY A 246 -10.07 -13.80 -3.89
N VAL A 247 -11.09 -13.74 -3.04
CA VAL A 247 -12.43 -13.34 -3.45
C VAL A 247 -12.97 -12.37 -2.39
N SER A 248 -13.55 -11.26 -2.85
N SER A 248 -13.58 -11.27 -2.83
CA SER A 248 -14.20 -10.31 -1.94
CA SER A 248 -14.23 -10.35 -1.89
C SER A 248 -15.71 -10.39 -2.11
C SER A 248 -15.75 -10.35 -2.11
N ALA A 249 -16.16 -10.75 -3.30
CA ALA A 249 -17.59 -10.90 -3.61
C ALA A 249 -18.01 -12.34 -3.31
N THR A 250 -17.48 -12.88 -2.21
CA THR A 250 -17.65 -14.26 -1.81
C THR A 250 -19.11 -14.66 -1.56
N VAL A 251 -19.88 -13.75 -0.95
CA VAL A 251 -21.29 -14.04 -0.67
C VAL A 251 -22.07 -14.30 -1.95
N ALA A 252 -21.92 -13.41 -2.93
CA ALA A 252 -22.62 -13.53 -4.20
C ALA A 252 -22.28 -14.84 -4.92
N ILE A 253 -21.03 -15.28 -4.76
CA ILE A 253 -20.55 -16.50 -5.41
C ILE A 253 -21.03 -17.79 -4.73
N LEU A 254 -21.13 -17.77 -3.41
CA LEU A 254 -21.51 -18.97 -2.66
C LEU A 254 -23.02 -19.08 -2.36
N THR A 255 -23.82 -18.12 -2.82
CA THR A 255 -25.28 -18.20 -2.63
C THR A 255 -26.03 -18.19 -3.95
N LEU B 39 5.09 34.45 -8.87
CA LEU B 39 5.92 33.34 -8.41
C LEU B 39 6.90 32.87 -9.50
N THR B 40 8.20 33.00 -9.25
CA THR B 40 9.24 32.47 -10.13
C THR B 40 9.09 30.96 -10.27
N THR B 41 9.61 30.40 -11.35
CA THR B 41 9.68 28.95 -11.49
C THR B 41 10.58 28.35 -10.41
N GLU B 42 11.64 29.07 -10.05
CA GLU B 42 12.56 28.55 -9.03
C GLU B 42 11.93 28.54 -7.64
N GLN B 43 11.09 29.54 -7.34
CA GLN B 43 10.43 29.53 -6.04
C GLN B 43 9.19 28.63 -6.01
N LEU B 44 8.56 28.43 -7.16
CA LEU B 44 7.44 27.47 -7.26
C LEU B 44 7.96 26.05 -7.00
N ALA B 45 9.16 25.76 -7.50
CA ALA B 45 9.77 24.47 -7.31
C ALA B 45 9.93 24.12 -5.82
N LYS B 46 10.12 25.15 -5.00
CA LYS B 46 10.33 24.94 -3.56
C LYS B 46 9.06 24.53 -2.84
N TYR B 47 7.91 24.63 -3.52
CA TYR B 47 6.65 24.15 -2.97
C TYR B 47 6.48 22.65 -3.22
N ILE B 48 7.32 22.08 -4.09
CA ILE B 48 7.03 20.79 -4.69
C ILE B 48 7.81 19.60 -4.14
N ASP B 49 7.08 18.62 -3.62
CA ASP B 49 7.65 17.28 -3.38
C ASP B 49 7.46 16.54 -4.70
N HIS B 50 8.55 16.35 -5.44
CA HIS B 50 8.49 15.71 -6.75
C HIS B 50 8.33 14.22 -6.56
N THR B 51 7.22 13.68 -7.06
CA THR B 51 6.72 12.42 -6.55
C THR B 51 6.66 11.32 -7.61
N ASN B 52 7.17 10.14 -7.26
CA ASN B 52 7.05 8.98 -8.13
C ASN B 52 6.79 7.75 -7.25
N LEU B 53 5.54 7.28 -7.25
CA LEU B 53 5.11 6.23 -6.32
C LEU B 53 4.53 4.98 -7.00
N LYS B 54 4.52 4.98 -8.33
CA LYS B 54 3.94 3.87 -9.08
C LYS B 54 4.62 2.54 -8.78
N ALA B 55 3.81 1.49 -8.67
CA ALA B 55 4.31 0.16 -8.33
C ALA B 55 5.31 -0.40 -9.34
N ASP B 56 5.23 0.07 -10.59
CA ASP B 56 6.15 -0.43 -11.61
C ASP B 56 7.30 0.53 -11.94
N ALA B 57 7.53 1.51 -11.06
CA ALA B 57 8.68 2.40 -11.20
C ALA B 57 10.00 1.63 -11.05
N THR B 58 10.86 1.70 -12.07
CA THR B 58 12.14 1.00 -12.05
C THR B 58 13.19 1.91 -11.43
N GLU B 59 14.39 1.37 -11.21
CA GLU B 59 15.50 2.17 -10.71
C GLU B 59 15.75 3.37 -11.64
N ALA B 60 15.68 3.14 -12.94
CA ALA B 60 15.89 4.21 -13.92
C ALA B 60 14.77 5.26 -13.81
N ASP B 61 13.53 4.82 -13.62
CA ASP B 61 12.42 5.75 -13.42
C ASP B 61 12.66 6.63 -12.20
N ILE B 62 13.07 6.00 -11.10
CA ILE B 62 13.34 6.74 -9.86
C ILE B 62 14.54 7.69 -10.05
N LYS B 63 15.57 7.22 -10.75
CA LYS B 63 16.73 8.06 -11.02
C LYS B 63 16.33 9.31 -11.83
N GLN B 64 15.49 9.10 -12.84
CA GLN B 64 15.00 10.20 -13.65
C GLN B 64 14.24 11.22 -12.79
N THR B 65 13.42 10.72 -11.87
CA THR B 65 12.73 11.62 -10.94
C THR B 65 13.74 12.42 -10.11
N CYS B 66 14.82 11.76 -9.67
CA CYS B 66 15.86 12.45 -8.92
C CYS B 66 16.57 13.47 -9.81
N ASP B 67 16.83 13.11 -11.06
CA ASP B 67 17.49 14.01 -12.01
C ASP B 67 16.66 15.27 -12.19
N GLU B 68 15.36 15.09 -12.39
CA GLU B 68 14.44 16.21 -12.55
C GLU B 68 14.38 17.13 -11.33
N ALA B 69 14.31 16.53 -10.13
CA ALA B 69 14.22 17.32 -8.91
C ALA B 69 15.46 18.16 -8.68
N LYS B 70 16.61 17.60 -9.05
CA LYS B 70 17.89 18.29 -8.88
C LYS B 70 18.05 19.41 -9.91
N LYS B 71 17.53 19.17 -11.11
CA LYS B 71 17.56 20.17 -12.18
C LYS B 71 16.75 21.39 -11.82
N PHE B 72 15.57 21.19 -11.23
CA PHE B 72 14.69 22.30 -10.88
C PHE B 72 14.75 22.73 -9.41
N ASN B 73 15.59 22.06 -8.62
CA ASN B 73 15.72 22.34 -7.18
C ASN B 73 14.37 22.30 -6.45
N THR B 74 13.67 21.18 -6.56
CA THR B 74 12.40 21.05 -5.84
C THR B 74 12.70 20.86 -4.36
N ALA B 75 11.66 20.93 -3.52
CA ALA B 75 11.85 20.73 -2.09
C ALA B 75 12.28 19.29 -1.80
N SER B 76 11.63 18.33 -2.46
CA SER B 76 11.79 16.93 -2.12
C SER B 76 11.70 16.01 -3.31
N VAL B 77 12.15 14.78 -3.13
CA VAL B 77 11.75 13.65 -3.97
C VAL B 77 10.97 12.72 -3.05
N CYS B 78 9.75 12.37 -3.41
CA CYS B 78 8.91 11.53 -2.56
C CYS B 78 8.73 10.15 -3.17
N VAL B 79 9.17 9.12 -2.46
CA VAL B 79 9.11 7.75 -2.96
C VAL B 79 8.59 6.78 -1.90
N ASN B 80 8.27 5.56 -2.34
CA ASN B 80 8.01 4.45 -1.43
C ASN B 80 9.30 4.06 -0.70
N SER B 81 9.17 3.46 0.47
CA SER B 81 10.32 3.35 1.37
C SER B 81 11.47 2.52 0.81
N TYR B 82 11.15 1.61 -0.11
CA TYR B 82 12.20 0.77 -0.71
C TYR B 82 13.26 1.63 -1.41
N TRP B 83 12.86 2.77 -1.98
CA TRP B 83 13.80 3.55 -2.77
C TRP B 83 14.54 4.63 -1.98
N ILE B 84 14.37 4.65 -0.66
CA ILE B 84 15.00 5.73 0.12
C ILE B 84 16.54 5.72 0.09
N PRO B 85 17.18 4.54 0.27
CA PRO B 85 18.66 4.55 0.17
C PRO B 85 19.15 5.03 -1.21
N PHE B 86 18.49 4.62 -2.28
CA PHE B 86 18.89 5.04 -3.63
C PHE B 86 18.68 6.55 -3.84
N VAL B 87 17.50 7.03 -3.46
CA VAL B 87 17.20 8.45 -3.57
C VAL B 87 18.17 9.29 -2.72
N THR B 88 18.46 8.80 -1.52
CA THR B 88 19.40 9.51 -0.64
C THR B 88 20.77 9.63 -1.28
N GLU B 89 21.22 8.56 -1.92
CA GLU B 89 22.49 8.59 -2.63
C GLU B 89 22.43 9.57 -3.81
N GLN B 90 21.37 9.50 -4.61
CA GLN B 90 21.22 10.36 -5.78
C GLN B 90 21.16 11.85 -5.42
N LEU B 91 20.60 12.15 -4.27
CA LEU B 91 20.40 13.55 -3.87
C LEU B 91 21.48 14.06 -2.93
N LYS B 92 22.44 13.20 -2.63
CA LYS B 92 23.53 13.55 -1.70
C LYS B 92 24.30 14.78 -2.19
N GLY B 93 24.52 15.74 -1.30
CA GLY B 93 25.24 16.96 -1.67
C GLY B 93 24.37 18.01 -2.33
N THR B 94 23.07 17.80 -2.34
CA THR B 94 22.13 18.78 -2.90
C THR B 94 21.13 19.16 -1.81
N ASP B 95 20.37 20.23 -2.04
CA ASP B 95 19.38 20.68 -1.06
C ASP B 95 18.01 20.00 -1.25
N VAL B 96 17.91 19.08 -2.20
CA VAL B 96 16.67 18.33 -2.38
C VAL B 96 16.61 17.23 -1.33
N ASN B 97 15.48 17.15 -0.59
CA ASN B 97 15.30 16.13 0.46
C ASN B 97 14.65 14.84 -0.03
N PRO B 98 15.24 13.68 0.32
CA PRO B 98 14.46 12.46 0.13
C PRO B 98 13.33 12.48 1.17
N ILE B 99 12.10 12.11 0.78
CA ILE B 99 11.05 11.91 1.77
C ILE B 99 10.32 10.61 1.43
N ALA B 100 9.69 9.98 2.41
CA ALA B 100 9.06 8.68 2.16
C ALA B 100 7.59 8.69 2.57
N VAL B 101 6.76 8.00 1.81
CA VAL B 101 5.43 7.67 2.31
C VAL B 101 5.56 6.39 3.16
N VAL B 102 4.64 6.19 4.10
CA VAL B 102 4.64 4.96 4.89
C VAL B 102 3.18 4.51 5.08
N GLY B 103 2.98 3.21 5.33
CA GLY B 103 1.62 2.66 5.42
C GLY B 103 0.76 3.11 4.25
N PHE B 104 1.35 3.06 3.06
CA PHE B 104 0.85 3.79 1.90
C PHE B 104 0.61 2.85 0.73
N PRO B 105 -0.50 3.05 -0.01
CA PRO B 105 -1.48 4.13 0.09
C PRO B 105 -2.74 3.84 0.94
N LEU B 106 -2.85 2.66 1.54
CA LEU B 106 -4.13 2.28 2.16
C LEU B 106 -4.34 2.75 3.59
N GLY B 107 -3.26 3.10 4.30
CA GLY B 107 -3.35 3.56 5.68
C GLY B 107 -3.94 2.53 6.64
N ALA B 108 -3.84 1.25 6.28
CA ALA B 108 -4.43 0.20 7.10
C ALA B 108 -3.37 -0.78 7.58
N MET B 109 -2.15 -0.25 7.76
CA MET B 109 -1.04 -1.01 8.30
C MET B 109 -1.03 -0.83 9.82
N ALA B 110 -0.67 -1.88 10.56
CA ALA B 110 -0.57 -1.80 12.02
C ALA B 110 0.32 -0.64 12.40
N THR B 111 -0.06 0.09 13.44
CA THR B 111 0.66 1.31 13.81
C THR B 111 2.12 1.01 14.10
N GLU B 112 2.41 -0.09 14.78
CA GLU B 112 3.81 -0.36 15.12
C GLU B 112 4.64 -0.61 13.87
N SER B 113 4.02 -1.20 12.85
CA SER B 113 4.72 -1.48 11.60
C SER B 113 4.91 -0.20 10.77
N GLU B 114 3.93 0.70 10.81
CA GLU B 114 4.12 2.02 10.19
C GLU B 114 5.27 2.77 10.85
N ILE B 115 5.35 2.68 12.17
CA ILE B 115 6.40 3.39 12.90
C ILE B 115 7.77 2.86 12.51
N PHE B 116 7.90 1.54 12.48
CA PHE B 116 9.18 0.94 12.08
C PHE B 116 9.54 1.31 10.64
N GLU B 117 8.56 1.30 9.74
CA GLU B 117 8.82 1.70 8.35
C GLU B 117 9.33 3.15 8.31
N ALA B 118 8.71 4.01 9.12
CA ALA B 118 9.08 5.44 9.13
C ALA B 118 10.46 5.71 9.72
N THR B 119 10.76 5.12 10.87
CA THR B 119 12.05 5.41 11.51
C THR B 119 13.18 4.75 10.76
N THR B 120 12.89 3.61 10.14
CA THR B 120 13.87 2.94 9.28
C THR B 120 14.17 3.84 8.07
N ALA B 121 13.11 4.38 7.46
CA ALA B 121 13.28 5.28 6.32
C ALA B 121 14.06 6.53 6.69
N ILE B 122 13.76 7.12 7.85
CA ILE B 122 14.50 8.28 8.30
C ILE B 122 15.98 7.94 8.47
N ASP B 123 16.25 6.80 9.07
CA ASP B 123 17.62 6.37 9.29
C ASP B 123 18.37 6.16 7.97
N GLN B 124 17.62 5.87 6.91
CA GLN B 124 18.24 5.67 5.60
C GLN B 124 18.26 6.95 4.75
N GLY B 125 17.83 8.07 5.32
CA GLY B 125 17.94 9.34 4.63
C GLY B 125 16.68 10.18 4.43
N ALA B 126 15.51 9.61 4.74
CA ALA B 126 14.27 10.37 4.63
C ALA B 126 14.22 11.53 5.62
N GLU B 127 13.85 12.71 5.13
CA GLU B 127 13.80 13.91 5.97
C GLU B 127 12.38 14.21 6.42
N GLU B 128 11.40 13.64 5.72
CA GLU B 128 10.00 13.83 6.07
C GLU B 128 9.29 12.52 5.80
N ILE B 129 8.17 12.33 6.49
CA ILE B 129 7.39 11.11 6.35
C ILE B 129 5.96 11.55 6.06
N ASP B 130 5.39 11.05 4.97
CA ASP B 130 3.97 11.28 4.67
C ASP B 130 3.23 9.98 5.00
N MET B 131 2.52 9.93 6.12
CA MET B 131 1.73 8.75 6.45
C MET B 131 0.33 8.87 5.86
N VAL B 132 -0.44 7.79 5.91
CA VAL B 132 -1.83 7.84 5.49
C VAL B 132 -2.71 7.67 6.73
N LEU B 133 -3.71 8.54 6.87
CA LEU B 133 -4.76 8.40 7.90
C LEU B 133 -5.30 6.97 7.96
N ASN B 134 -5.69 6.50 9.16
CA ASN B 134 -6.44 5.25 9.23
C ASN B 134 -7.89 5.58 8.91
N VAL B 135 -8.22 5.51 7.62
CA VAL B 135 -9.52 5.97 7.13
C VAL B 135 -10.65 5.10 7.70
N GLY B 136 -10.41 3.80 7.76
CA GLY B 136 -11.41 2.89 8.28
C GLY B 136 -11.82 3.22 9.71
N GLU B 137 -10.85 3.53 10.58
CA GLU B 137 -11.17 3.89 11.95
C GLU B 137 -11.82 5.28 12.02
N LEU B 138 -11.45 6.17 11.11
CA LEU B 138 -12.11 7.48 11.08
C LEU B 138 -13.57 7.35 10.65
N LYS B 139 -13.80 6.60 9.56
CA LYS B 139 -15.16 6.35 9.07
C LYS B 139 -15.98 5.66 10.15
N GLY B 140 -15.33 4.81 10.95
CA GLY B 140 -16.02 4.09 12.01
C GLY B 140 -16.28 4.96 13.25
N GLY B 141 -15.81 6.20 13.20
CA GLY B 141 -15.95 7.12 14.34
C GLY B 141 -15.05 6.82 15.53
N ASN B 142 -14.11 5.90 15.34
CA ASN B 142 -13.21 5.51 16.41
C ASN B 142 -12.05 6.50 16.56
N ASP B 143 -12.35 7.71 17.04
CA ASP B 143 -11.36 8.78 17.06
C ASP B 143 -10.16 8.49 17.94
N GLU B 144 -10.36 7.76 19.04
CA GLU B 144 -9.23 7.47 19.91
C GLU B 144 -8.18 6.60 19.17
N LYS B 145 -8.63 5.70 18.31
CA LYS B 145 -7.69 4.90 17.53
C LYS B 145 -7.05 5.66 16.36
N VAL B 146 -7.80 6.58 15.76
CA VAL B 146 -7.24 7.44 14.72
C VAL B 146 -6.14 8.31 15.33
N LEU B 147 -6.42 8.87 16.50
CA LEU B 147 -5.48 9.75 17.18
C LEU B 147 -4.22 9.00 17.63
N ALA B 148 -4.41 7.82 18.21
CA ALA B 148 -3.29 7.03 18.72
C ALA B 148 -2.36 6.63 17.56
N ASP B 149 -2.96 6.35 16.42
CA ASP B 149 -2.22 5.95 15.22
C ASP B 149 -1.33 7.10 14.74
N ILE B 150 -1.90 8.30 14.63
CA ILE B 150 -1.12 9.46 14.20
C ILE B 150 -0.10 9.84 15.27
N GLN B 151 -0.50 9.75 16.54
CA GLN B 151 0.40 10.11 17.64
C GLN B 151 1.67 9.26 17.69
N GLY B 152 1.51 7.96 17.46
CA GLY B 152 2.66 7.06 17.43
C GLY B 152 3.66 7.50 16.37
N LEU B 153 3.17 7.80 15.17
CA LEU B 153 4.08 8.26 14.12
C LEU B 153 4.68 9.62 14.44
N ALA B 154 3.85 10.55 14.93
CA ALA B 154 4.35 11.90 15.21
C ALA B 154 5.46 11.83 16.24
N ASP B 155 5.25 11.07 17.31
CA ASP B 155 6.25 10.98 18.37
C ASP B 155 7.56 10.37 17.86
N ALA B 156 7.43 9.29 17.09
CA ALA B 156 8.62 8.61 16.56
C ALA B 156 9.37 9.50 15.55
N VAL B 157 8.64 10.20 14.69
CA VAL B 157 9.25 11.03 13.67
C VAL B 157 9.88 12.28 14.32
N HIS B 158 9.19 12.83 15.30
CA HIS B 158 9.72 14.00 16.00
C HIS B 158 10.94 13.65 16.86
N ALA B 159 10.96 12.44 17.42
CA ALA B 159 12.08 12.01 18.25
C ALA B 159 13.37 12.03 17.44
N LYS B 160 13.25 11.76 16.13
CA LYS B 160 14.38 11.88 15.21
C LYS B 160 14.56 13.28 14.63
N GLY B 161 13.71 14.22 15.06
CA GLY B 161 13.87 15.61 14.62
C GLY B 161 13.34 15.90 13.23
N LYS B 162 12.51 15.01 12.72
CA LYS B 162 11.92 15.19 11.39
C LYS B 162 10.44 15.59 11.49
N ILE B 163 9.77 15.74 10.34
CA ILE B 163 8.37 16.18 10.37
C ILE B 163 7.45 15.18 9.67
N LEU B 164 6.17 15.22 10.05
CA LEU B 164 5.20 14.22 9.62
C LEU B 164 4.04 14.89 8.87
N LYS B 165 3.67 14.34 7.72
CA LYS B 165 2.46 14.77 7.03
C LYS B 165 1.42 13.67 7.14
N VAL B 166 0.15 14.04 7.32
CA VAL B 166 -0.92 13.04 7.34
C VAL B 166 -1.81 13.15 6.09
N ILE B 167 -1.76 12.11 5.26
CA ILE B 167 -2.62 12.07 4.08
C ILE B 167 -4.03 11.69 4.50
N LEU B 168 -4.99 12.58 4.25
CA LEU B 168 -6.36 12.34 4.68
C LEU B 168 -7.11 11.41 3.72
N GLU B 169 -6.69 11.42 2.47
CA GLU B 169 -7.43 10.78 1.35
C GLU B 169 -8.85 11.33 1.29
N ASN B 170 -8.94 12.61 0.94
CA ASN B 170 -10.22 13.32 0.90
C ASN B 170 -11.30 12.63 0.06
N ALA B 171 -10.87 11.92 -0.98
CA ALA B 171 -11.81 11.25 -1.90
C ALA B 171 -12.74 10.29 -1.18
N LEU B 172 -12.26 9.76 -0.06
CA LEU B 172 -12.99 8.75 0.69
C LEU B 172 -13.79 9.33 1.86
N LEU B 173 -13.76 10.65 2.04
CA LEU B 173 -14.26 11.26 3.26
C LEU B 173 -15.47 12.20 3.05
N THR B 174 -16.32 12.29 4.06
CA THR B 174 -17.34 13.34 4.12
C THR B 174 -16.65 14.62 4.51
N LYS B 175 -17.31 15.76 4.34
CA LYS B 175 -16.66 17.04 4.66
C LYS B 175 -16.39 17.19 6.15
N ASP B 176 -17.33 16.73 6.99
CA ASP B 176 -17.11 16.75 8.44
C ASP B 176 -15.91 15.88 8.77
N GLU B 177 -15.73 14.80 8.02
CA GLU B 177 -14.61 13.89 8.27
C GLU B 177 -13.27 14.53 7.93
N ILE B 178 -13.24 15.33 6.86
CA ILE B 178 -12.03 16.08 6.51
C ILE B 178 -11.66 17.01 7.67
N VAL B 179 -12.64 17.75 8.17
CA VAL B 179 -12.44 18.65 9.31
C VAL B 179 -11.96 17.87 10.53
N ARG B 180 -12.68 16.81 10.89
CA ARG B 180 -12.28 16.04 12.06
C ARG B 180 -10.87 15.46 11.87
N ALA B 181 -10.58 14.92 10.68
CA ALA B 181 -9.24 14.37 10.41
C ALA B 181 -8.15 15.43 10.59
N CYS B 182 -8.41 16.65 10.12
CA CYS B 182 -7.45 17.75 10.30
C CYS B 182 -7.22 18.05 11.77
N GLN B 183 -8.30 18.05 12.55
CA GLN B 183 -8.22 18.38 13.96
C GLN B 183 -7.51 17.30 14.75
N LEU B 184 -7.77 16.04 14.40
CA LEU B 184 -7.09 14.92 15.05
C LEU B 184 -5.60 14.94 14.72
N SER B 185 -5.27 15.25 13.47
CA SER B 185 -3.89 15.36 13.05
C SER B 185 -3.18 16.47 13.85
N GLU B 186 -3.85 17.61 14.00
CA GLU B 186 -3.29 18.71 14.76
C GLU B 186 -3.08 18.30 16.20
N LYS B 187 -4.09 17.67 16.79
CA LYS B 187 -4.03 17.27 18.19
C LYS B 187 -2.92 16.24 18.41
N ALA B 188 -2.70 15.37 17.42
CA ALA B 188 -1.69 14.32 17.55
C ALA B 188 -0.26 14.83 17.32
N GLY B 189 -0.13 16.08 16.88
CA GLY B 189 1.18 16.67 16.69
C GLY B 189 1.69 16.68 15.26
N ALA B 190 0.88 16.24 14.30
CA ALA B 190 1.30 16.25 12.89
C ALA B 190 1.71 17.67 12.44
N ASP B 191 2.62 17.73 11.47
CA ASP B 191 3.13 19.01 10.99
C ASP B 191 2.43 19.48 9.71
N PHE B 192 1.84 18.53 8.98
CA PHE B 192 1.14 18.81 7.73
C PHE B 192 -0.08 17.90 7.61
N VAL B 193 -1.12 18.40 6.97
CA VAL B 193 -2.17 17.54 6.44
C VAL B 193 -2.06 17.57 4.91
N LYS B 194 -2.30 16.43 4.29
CA LYS B 194 -2.09 16.27 2.85
C LYS B 194 -3.37 15.71 2.24
N THR B 195 -3.77 16.21 1.07
CA THR B 195 -5.07 15.82 0.51
C THR B 195 -5.21 14.33 0.18
N SER B 196 -4.27 13.80 -0.61
CA SER B 196 -4.50 12.55 -1.32
C SER B 196 -3.26 11.69 -1.51
N THR B 197 -3.45 10.38 -1.69
CA THR B 197 -2.35 9.48 -2.03
C THR B 197 -1.97 9.55 -3.51
N GLY B 198 -2.95 9.86 -4.36
CA GLY B 198 -2.74 9.76 -5.78
C GLY B 198 -3.24 8.43 -6.33
N PHE B 199 -3.81 7.60 -5.45
CA PHE B 199 -4.24 6.25 -5.82
C PHE B 199 -5.74 6.01 -5.58
N SER B 200 -6.45 7.04 -5.14
CA SER B 200 -7.90 6.91 -4.93
C SER B 200 -8.66 7.45 -6.15
N THR B 201 -9.95 7.76 -5.96
CA THR B 201 -10.80 8.12 -7.10
C THR B 201 -10.60 9.56 -7.54
N SER B 202 -10.06 10.38 -6.65
CA SER B 202 -9.75 11.76 -7.00
C SER B 202 -8.65 12.29 -6.07
N GLY B 203 -8.04 13.40 -6.46
CA GLY B 203 -6.96 13.97 -5.67
C GLY B 203 -7.28 15.32 -5.09
N ALA B 204 -6.39 16.28 -5.30
CA ALA B 204 -6.49 17.59 -4.66
C ALA B 204 -7.64 18.38 -5.28
N LYS B 205 -8.51 18.90 -4.41
CA LYS B 205 -9.58 19.79 -4.84
C LYS B 205 -9.48 21.11 -4.06
N VAL B 206 -9.49 22.22 -4.79
CA VAL B 206 -9.42 23.58 -4.23
C VAL B 206 -10.31 23.79 -3.01
N GLU B 207 -11.56 23.34 -3.09
CA GLU B 207 -12.50 23.50 -1.99
C GLU B 207 -12.07 22.70 -0.75
N ASP B 208 -11.45 21.53 -0.98
CA ASP B 208 -10.97 20.71 0.12
C ASP B 208 -9.74 21.37 0.78
N VAL B 209 -8.86 21.90 -0.06
CA VAL B 209 -7.67 22.61 0.42
C VAL B 209 -8.06 23.81 1.30
N LYS B 210 -9.01 24.61 0.82
CA LYS B 210 -9.55 25.72 1.62
C LYS B 210 -10.08 25.23 2.96
N LEU B 211 -10.90 24.19 2.93
CA LEU B 211 -11.45 23.63 4.16
C LEU B 211 -10.33 23.20 5.13
N MET B 212 -9.29 22.56 4.59
CA MET B 212 -8.17 22.09 5.42
C MET B 212 -7.43 23.28 6.04
N ARG B 213 -7.09 24.26 5.21
CA ARG B 213 -6.39 25.47 5.66
C ARG B 213 -7.19 26.23 6.71
N GLU B 214 -8.49 26.37 6.50
CA GLU B 214 -9.35 27.02 7.49
C GLU B 214 -9.33 26.25 8.80
N THR B 215 -9.23 24.92 8.73
CA THR B 215 -9.32 24.09 9.93
C THR B 215 -8.02 24.13 10.77
N VAL B 216 -6.87 24.08 10.09
CA VAL B 216 -5.61 24.05 10.83
C VAL B 216 -5.00 25.43 10.97
N GLY B 217 -5.65 26.43 10.37
CA GLY B 217 -5.11 27.78 10.38
C GLY B 217 -3.69 27.80 9.88
N ASP B 218 -2.81 28.54 10.57
CA ASP B 218 -1.41 28.58 10.18
C ASP B 218 -0.57 27.66 11.08
N ARG B 219 -1.26 26.80 11.82
CA ARG B 219 -0.60 25.99 12.84
C ARG B 219 0.00 24.70 12.25
N LEU B 220 -0.53 24.30 11.10
CA LEU B 220 0.00 23.17 10.34
C LEU B 220 0.17 23.56 8.89
N GLY B 221 1.04 22.85 8.18
CA GLY B 221 1.13 23.04 6.74
C GLY B 221 0.00 22.30 6.06
N VAL B 222 -0.31 22.70 4.82
CA VAL B 222 -1.32 22.02 4.02
C VAL B 222 -0.70 21.63 2.68
N LYS B 223 -0.69 20.34 2.38
CA LYS B 223 -0.08 19.87 1.13
C LYS B 223 -1.16 19.36 0.17
N ALA B 224 -1.25 20.00 -1.00
CA ALA B 224 -2.21 19.56 -2.01
C ALA B 224 -1.53 18.55 -2.91
N SER B 225 -2.16 17.40 -3.12
CA SER B 225 -1.51 16.36 -3.93
C SER B 225 -2.54 15.55 -4.69
N GLY B 226 -2.10 14.97 -5.80
CA GLY B 226 -2.96 14.13 -6.62
C GLY B 226 -3.62 14.90 -7.74
N GLY B 227 -3.27 14.56 -8.98
CA GLY B 227 -3.90 15.13 -10.15
C GLY B 227 -3.56 16.57 -10.48
N ILE B 228 -2.45 17.08 -9.95
CA ILE B 228 -2.03 18.44 -10.26
C ILE B 228 -1.19 18.43 -11.55
N HIS B 229 -1.80 18.92 -12.64
CA HIS B 229 -1.27 18.67 -13.98
C HIS B 229 -0.77 19.92 -14.71
N SER B 230 -1.11 21.10 -14.20
CA SER B 230 -0.71 22.32 -14.86
C SER B 230 -0.18 23.33 -13.86
N ARG B 231 0.67 24.25 -14.34
CA ARG B 231 1.19 25.31 -13.51
C ARG B 231 0.03 26.14 -12.97
N GLU B 232 -1.02 26.25 -13.77
CA GLU B 232 -2.21 27.01 -13.40
C GLU B 232 -2.93 26.32 -12.23
N GLU B 233 -3.05 25.00 -12.31
CA GLU B 233 -3.66 24.23 -11.22
C GLU B 233 -2.82 24.33 -9.94
N ALA B 234 -1.51 24.27 -10.09
CA ALA B 234 -0.60 24.39 -8.95
C ALA B 234 -0.79 25.72 -8.23
N LEU B 235 -0.76 26.82 -9.00
CA LEU B 235 -1.00 28.14 -8.43
C LEU B 235 -2.36 28.24 -7.76
N ALA B 236 -3.37 27.60 -8.34
CA ALA B 236 -4.70 27.57 -7.73
C ALA B 236 -4.65 26.91 -6.35
N MET B 237 -3.92 25.80 -6.26
CA MET B 237 -3.83 25.06 -5.00
C MET B 237 -3.17 25.94 -3.93
N ILE B 238 -2.10 26.64 -4.31
CA ILE B 238 -1.43 27.57 -3.41
C ILE B 238 -2.40 28.63 -2.90
N ASP B 239 -3.18 29.22 -3.81
CA ASP B 239 -4.13 30.27 -3.42
C ASP B 239 -5.23 29.74 -2.50
N ALA B 240 -5.65 28.49 -2.70
CA ALA B 240 -6.64 27.89 -1.83
C ALA B 240 -6.05 27.61 -0.44
N GLY B 241 -4.72 27.68 -0.34
CA GLY B 241 -4.06 27.58 0.95
C GLY B 241 -2.94 26.55 1.10
N ALA B 242 -2.55 25.90 0.01
CA ALA B 242 -1.48 24.90 0.12
C ALA B 242 -0.12 25.57 0.35
N SER B 243 0.65 25.03 1.29
CA SER B 243 2.02 25.49 1.53
C SER B 243 3.04 24.51 0.92
N ARG B 244 2.56 23.37 0.43
CA ARG B 244 3.42 22.40 -0.25
C ARG B 244 2.54 21.63 -1.24
N MET B 245 3.14 21.01 -2.24
CA MET B 245 2.36 20.23 -3.19
C MET B 245 3.05 18.91 -3.55
N GLY B 246 2.25 17.86 -3.71
CA GLY B 246 2.76 16.63 -4.28
C GLY B 246 2.45 16.63 -5.77
N VAL B 247 3.48 16.48 -6.60
CA VAL B 247 3.33 16.57 -8.05
C VAL B 247 4.21 15.53 -8.77
N SER B 248 3.64 14.88 -9.78
CA SER B 248 4.40 13.98 -10.63
C SER B 248 4.70 14.64 -11.98
N ALA B 249 3.79 15.50 -12.43
CA ALA B 249 3.98 16.24 -13.69
C ALA B 249 4.80 17.52 -13.46
N THR B 250 5.85 17.40 -12.65
CA THR B 250 6.67 18.53 -12.21
C THR B 250 7.38 19.25 -13.37
N VAL B 251 7.92 18.48 -14.31
CA VAL B 251 8.60 19.06 -15.47
C VAL B 251 7.67 19.92 -16.31
N ALA B 252 6.55 19.35 -16.72
CA ALA B 252 5.54 20.08 -17.48
C ALA B 252 5.17 21.39 -16.78
N ILE B 253 4.89 21.28 -15.49
CA ILE B 253 4.50 22.43 -14.67
C ILE B 253 5.56 23.53 -14.58
N LEU B 254 6.82 23.13 -14.49
CA LEU B 254 7.91 24.10 -14.28
C LEU B 254 8.47 24.68 -15.57
N THR B 255 8.20 24.03 -16.70
CA THR B 255 8.61 24.56 -17.99
C THR B 255 7.49 25.37 -18.63
C ACY C . 1.21 12.94 -4.70
O ACY C . 1.77 13.66 -5.58
OXT ACY C . 1.52 12.95 -3.49
CH3 ACY C . 0.12 12.00 -5.13
C ACY D . -5.56 11.28 -7.54
O ACY D . -5.04 12.14 -8.30
OXT ACY D . -5.39 11.27 -6.30
CH3 ACY D . -6.42 10.23 -8.16
C ACY E . -9.57 12.62 21.01
O ACY E . -9.80 11.59 20.32
OXT ACY E . -9.72 13.80 20.59
CH3 ACY E . -9.12 12.43 22.42
#